data_1V4U
#
_entry.id   1V4U
#
_cell.length_a   59.016
_cell.length_b   102.541
_cell.length_c   108.451
_cell.angle_alpha   90.00
_cell.angle_beta   90.00
_cell.angle_gamma   90.00
#
_symmetry.space_group_name_H-M   'P 21 21 21'
#
loop_
_entity.id
_entity.type
_entity.pdbx_description
1 polymer 'hemoglobin alpha chain'
2 polymer 'hemoglobin beta chain'
3 non-polymer 'PROTOPORPHYRIN IX CONTAINING FE'
4 non-polymer 'CARBON MONOXIDE'
5 water water
#
loop_
_entity_poly.entity_id
_entity_poly.type
_entity_poly.pdbx_seq_one_letter_code
_entity_poly.pdbx_strand_id
1 'polypeptide(L)'
;(ACE)TTLSDKDKSTVKALWGKISKSADAIGADALGRMLAVYPQTKTYFSHWPDMSPGSGPVKAHGKKVMGGVALAVSKI
DDLTTGLGDLSELHAFKMRVDPSNFKILSHCILVVVAKMFPKEFTPDAHVSLDKFLASVALALAERYR
;
A,C
2 'polypeptide(L)'
;VEWTQQERSIIAGIFANLNYEDIGPKALARCLIVYPWTQRYFGAYGDLSTPDAIKGNAKIAAHGVKVLHGLDRAVKNMDN
INEAYSELSVLHSDKLHVDPDNFRILGDCLTVVIAANLGDAFTVETQCAFQKFLAVVVFALGRKYH
;
B,D
#
loop_
_chem_comp.id
_chem_comp.type
_chem_comp.name
_chem_comp.formula
ACE non-polymer 'ACETYL GROUP' 'C2 H4 O'
CMO non-polymer 'CARBON MONOXIDE' 'C O'
HEM non-polymer 'PROTOPORPHYRIN IX CONTAINING FE' 'C34 H32 Fe N4 O4'
#
# COMPACT_ATOMS: atom_id res chain seq x y z
C ACE A 1 -7.73 -7.48 -9.99
O ACE A 1 -8.06 -6.42 -10.68
CH3 ACE A 1 -7.89 -7.52 -8.51
N THR A 2 -6.67 -8.25 -10.30
CA THR A 2 -5.88 -7.59 -11.28
C THR A 2 -6.21 -8.22 -12.63
N THR A 3 -6.97 -9.31 -12.74
CA THR A 3 -7.19 -9.89 -14.12
C THR A 3 -7.82 -8.84 -15.06
N LEU A 4 -7.21 -8.56 -16.22
CA LEU A 4 -7.75 -7.63 -17.21
C LEU A 4 -8.87 -8.28 -18.09
N SER A 5 -10.05 -7.64 -18.10
CA SER A 5 -11.19 -8.07 -18.90
C SER A 5 -10.94 -7.85 -20.39
N ASP A 6 -11.82 -8.41 -21.22
CA ASP A 6 -11.75 -8.17 -22.65
C ASP A 6 -11.96 -6.63 -22.81
N LYS A 7 -12.89 -6.03 -22.05
CA LYS A 7 -13.06 -4.59 -22.20
C LYS A 7 -11.71 -3.79 -21.90
N ASP A 8 -11.02 -4.14 -20.81
CA ASP A 8 -9.77 -3.51 -20.38
C ASP A 8 -8.76 -3.61 -21.49
N LYS A 9 -8.60 -4.81 -22.07
CA LYS A 9 -7.56 -4.98 -23.09
C LYS A 9 -7.91 -4.16 -24.32
N SER A 10 -9.18 -4.17 -24.68
CA SER A 10 -9.61 -3.46 -25.86
C SER A 10 -9.36 -1.89 -25.70
N THR A 11 -9.82 -1.35 -24.57
CA THR A 11 -9.54 0.02 -24.12
C THR A 11 -8.09 0.38 -24.12
N VAL A 12 -7.26 -0.47 -23.53
CA VAL A 12 -5.81 -0.14 -23.52
C VAL A 12 -5.17 -0.13 -24.87
N LYS A 13 -5.53 -1.13 -25.67
CA LYS A 13 -5.06 -1.18 -27.06
C LYS A 13 -5.61 -0.03 -27.92
N ALA A 14 -6.89 0.31 -27.80
CA ALA A 14 -7.43 1.51 -28.47
C ALA A 14 -6.64 2.80 -28.08
N LEU A 15 -6.43 3.00 -26.76
CA LEU A 15 -5.63 4.14 -26.27
C LEU A 15 -4.19 4.11 -26.84
N TRP A 16 -3.57 2.94 -26.80
CA TRP A 16 -2.22 2.81 -27.31
C TRP A 16 -2.15 3.14 -28.81
N GLY A 17 -3.21 2.78 -29.53
CA GLY A 17 -3.29 3.13 -30.95
C GLY A 17 -3.23 4.65 -31.22
N LYS A 18 -3.95 5.47 -30.45
CA LYS A 18 -3.79 6.95 -30.50
C LYS A 18 -2.47 7.55 -29.93
N ILE A 19 -1.89 6.94 -28.90
CA ILE A 19 -0.81 7.58 -28.15
C ILE A 19 0.62 7.17 -28.53
N SER A 20 0.75 6.01 -29.15
CA SER A 20 1.99 5.32 -29.22
C SER A 20 3.03 6.04 -30.03
N LYS A 21 2.62 6.88 -31.00
CA LYS A 21 3.62 7.68 -31.68
C LYS A 21 4.26 8.73 -30.76
N SER A 22 3.75 8.93 -29.54
CA SER A 22 4.40 9.84 -28.60
C SER A 22 5.13 9.11 -27.49
N ALA A 23 5.47 7.85 -27.77
CA ALA A 23 5.86 6.97 -26.66
C ALA A 23 7.17 7.46 -26.01
N ASP A 24 8.07 7.95 -26.85
CA ASP A 24 9.39 8.42 -26.37
C ASP A 24 9.22 9.64 -25.51
N ALA A 25 8.39 10.56 -25.94
CA ALA A 25 8.14 11.80 -25.23
C ALA A 25 7.44 11.48 -23.92
N ILE A 26 6.43 10.61 -23.95
CA ILE A 26 5.74 10.17 -22.70
C ILE A 26 6.74 9.60 -21.71
N GLY A 27 7.59 8.63 -22.18
CA GLY A 27 8.52 7.98 -21.24
C GLY A 27 9.47 9.00 -20.58
N ALA A 28 9.95 9.86 -21.43
CA ALA A 28 10.86 10.90 -20.95
C ALA A 28 10.22 11.81 -19.88
N ASP A 29 9.02 12.22 -20.20
CA ASP A 29 8.32 13.23 -19.36
C ASP A 29 7.96 12.49 -18.06
N ALA A 30 7.49 11.25 -18.19
CA ALA A 30 7.16 10.42 -16.99
C ALA A 30 8.35 10.08 -16.04
N LEU A 31 9.52 9.73 -16.59
CA LEU A 31 10.69 9.36 -15.77
C LEU A 31 11.13 10.57 -15.14
N GLY A 32 11.22 11.61 -15.95
CA GLY A 32 11.64 12.89 -15.37
C GLY A 32 10.85 13.31 -14.14
N ARG A 33 9.54 13.18 -14.25
CA ARG A 33 8.70 13.68 -13.17
C ARG A 33 8.84 12.73 -12.01
N MET A 34 9.04 11.42 -12.23
CA MET A 34 9.02 10.53 -11.07
C MET A 34 10.23 10.88 -10.21
N LEU A 35 11.35 11.14 -10.87
CA LEU A 35 12.56 11.47 -10.15
C LEU A 35 12.54 12.82 -9.46
N ALA A 36 11.90 13.82 -10.05
CA ALA A 36 11.87 15.12 -9.42
C ALA A 36 10.76 15.17 -8.33
N VAL A 37 9.58 14.66 -8.69
CA VAL A 37 8.39 14.80 -7.82
C VAL A 37 8.52 13.81 -6.65
N TYR A 38 9.25 12.69 -6.83
CA TYR A 38 9.41 11.62 -5.84
C TYR A 38 10.86 11.28 -5.67
N PRO A 39 11.61 12.20 -5.04
CA PRO A 39 13.10 12.21 -5.16
C PRO A 39 13.75 10.98 -4.58
N GLN A 40 13.04 10.32 -3.70
CA GLN A 40 13.46 9.05 -3.17
C GLN A 40 13.71 7.96 -4.24
N THR A 41 13.04 8.01 -5.41
CA THR A 41 13.30 7.06 -6.51
C THR A 41 14.72 7.26 -7.08
N LYS A 42 15.33 8.40 -6.79
CA LYS A 42 16.67 8.74 -7.36
C LYS A 42 17.84 7.89 -6.90
N THR A 43 17.69 7.27 -5.74
CA THR A 43 18.69 6.37 -5.20
C THR A 43 18.95 5.21 -6.17
N TYR A 44 17.94 4.81 -6.96
CA TYR A 44 18.19 3.81 -8.03
C TYR A 44 19.00 4.32 -9.23
N PHE A 45 19.03 5.63 -9.43
CA PHE A 45 19.61 6.18 -10.64
C PHE A 45 20.93 6.97 -10.30
N SER A 46 21.56 6.64 -9.17
CA SER A 46 22.54 7.53 -8.52
C SER A 46 23.89 7.53 -9.28
N HIS A 47 24.25 6.40 -9.85
CA HIS A 47 25.30 6.30 -10.85
C HIS A 47 25.07 7.14 -12.17
N TRP A 48 23.88 7.67 -12.43
CA TRP A 48 23.72 8.51 -13.61
C TRP A 48 24.32 9.91 -13.46
N PRO A 49 24.96 10.40 -14.51
CA PRO A 49 25.48 11.79 -14.52
C PRO A 49 24.44 12.83 -14.12
N ASP A 50 23.24 12.64 -14.66
CA ASP A 50 22.24 13.70 -14.74
C ASP A 50 20.91 12.99 -14.73
N MET A 51 20.01 13.46 -13.86
CA MET A 51 18.67 12.86 -13.68
C MET A 51 17.56 13.89 -13.85
N SER A 52 17.88 15.00 -14.51
CA SER A 52 17.00 16.15 -14.42
C SER A 52 16.01 16.10 -15.61
N PRO A 53 14.85 16.73 -15.44
CA PRO A 53 13.82 16.67 -16.50
C PRO A 53 14.41 16.97 -17.85
N GLY A 54 14.04 16.21 -18.88
CA GLY A 54 14.46 16.51 -20.24
C GLY A 54 15.95 16.40 -20.55
N SER A 55 16.74 15.76 -19.66
CA SER A 55 18.20 15.64 -19.84
C SER A 55 18.47 14.48 -20.79
N GLY A 56 19.72 14.31 -21.21
CA GLY A 56 20.04 13.30 -22.22
C GLY A 56 19.72 11.89 -21.73
N PRO A 57 20.18 11.57 -20.51
CA PRO A 57 19.92 10.27 -19.88
C PRO A 57 18.47 10.02 -19.54
N VAL A 58 17.75 11.02 -19.01
CA VAL A 58 16.28 10.83 -18.83
C VAL A 58 15.54 10.54 -20.14
N LYS A 59 15.88 11.25 -21.19
CA LYS A 59 15.26 11.00 -22.51
C LYS A 59 15.64 9.61 -22.99
N ALA A 60 16.91 9.22 -22.89
CA ALA A 60 17.34 7.92 -23.48
C ALA A 60 16.63 6.81 -22.71
N HIS A 61 16.55 6.98 -21.38
CA HIS A 61 15.97 5.92 -20.59
C HIS A 61 14.46 5.87 -20.74
N GLY A 62 13.84 7.04 -20.84
CA GLY A 62 12.40 7.10 -21.04
C GLY A 62 11.90 6.34 -22.24
N LYS A 63 12.58 6.45 -23.35
CA LYS A 63 12.30 5.65 -24.55
C LYS A 63 12.29 4.19 -24.14
N LYS A 64 13.36 3.77 -23.47
CA LYS A 64 13.43 2.35 -23.07
C LYS A 64 12.18 1.94 -22.27
N VAL A 65 11.80 2.80 -21.34
CA VAL A 65 10.74 2.50 -20.40
C VAL A 65 9.50 2.39 -21.12
N MET A 66 9.15 3.32 -22.06
CA MET A 66 7.91 3.11 -22.84
C MET A 66 8.04 1.98 -23.88
N GLY A 67 9.27 1.65 -24.30
CA GLY A 67 9.48 0.38 -25.02
C GLY A 67 9.04 -0.82 -24.18
N GLY A 68 9.28 -0.75 -22.86
CA GLY A 68 8.76 -1.75 -21.95
C GLY A 68 7.25 -1.75 -21.85
N VAL A 69 6.60 -0.58 -21.80
CA VAL A 69 5.13 -0.56 -21.81
C VAL A 69 4.56 -1.08 -23.15
N ALA A 70 5.16 -0.66 -24.26
CA ALA A 70 4.87 -1.17 -25.59
C ALA A 70 4.93 -2.72 -25.60
N LEU A 71 6.09 -3.24 -25.14
CA LEU A 71 6.19 -4.68 -24.83
C LEU A 71 5.01 -5.26 -24.03
N ALA A 72 4.59 -4.62 -22.92
CA ALA A 72 3.43 -5.18 -22.20
C ALA A 72 2.11 -5.15 -22.95
N VAL A 73 1.94 -4.18 -23.83
CA VAL A 73 0.68 -4.08 -24.58
C VAL A 73 0.68 -5.27 -25.54
N SER A 74 1.84 -5.57 -26.11
CA SER A 74 2.09 -6.85 -26.86
C SER A 74 1.76 -8.12 -26.05
N LYS A 75 2.02 -8.13 -24.73
CA LYS A 75 1.90 -9.33 -23.90
C LYS A 75 0.72 -9.34 -22.98
N ILE A 76 -0.27 -8.55 -23.32
CA ILE A 76 -1.28 -8.21 -22.33
C ILE A 76 -2.06 -9.40 -21.73
N ASP A 77 -2.01 -10.55 -22.44
CA ASP A 77 -2.76 -11.79 -22.09
C ASP A 77 -2.00 -12.57 -21.05
N ASP A 78 -0.71 -12.31 -20.97
CA ASP A 78 0.06 -12.92 -19.89
C ASP A 78 1.25 -12.05 -19.57
N LEU A 79 1.05 -11.03 -18.75
CA LEU A 79 2.15 -10.11 -18.42
C LEU A 79 3.13 -10.84 -17.54
N THR A 80 2.60 -11.70 -16.68
CA THR A 80 3.50 -12.51 -15.85
C THR A 80 4.76 -13.11 -16.55
N THR A 81 4.56 -13.79 -17.69
CA THR A 81 5.65 -14.27 -18.53
C THR A 81 6.25 -13.20 -19.38
N GLY A 82 5.36 -12.37 -19.93
CA GLY A 82 5.85 -11.39 -20.86
C GLY A 82 6.87 -10.44 -20.28
N LEU A 83 6.73 -10.07 -19.01
CA LEU A 83 7.75 -9.15 -18.44
C LEU A 83 8.76 -9.79 -17.52
N GLY A 84 8.99 -11.09 -17.76
CA GLY A 84 9.83 -11.90 -16.89
C GLY A 84 11.24 -11.38 -16.78
N ASP A 85 11.86 -11.04 -17.91
CA ASP A 85 13.21 -10.44 -17.92
C ASP A 85 13.28 -9.06 -17.23
N LEU A 86 12.18 -8.31 -17.39
CA LEU A 86 12.15 -6.99 -16.75
C LEU A 86 11.99 -7.21 -15.25
N SER A 87 11.23 -8.22 -14.82
CA SER A 87 11.20 -8.56 -13.40
C SER A 87 12.55 -8.96 -12.81
N GLU A 88 13.23 -9.82 -13.56
CA GLU A 88 14.51 -10.27 -13.12
C GLU A 88 15.38 -9.06 -12.80
N LEU A 89 15.46 -8.12 -13.74
CA LEU A 89 16.26 -6.98 -13.58
C LEU A 89 15.82 -6.07 -12.37
N HIS A 90 14.51 -5.78 -12.26
CA HIS A 90 14.05 -4.75 -11.29
C HIS A 90 13.89 -5.34 -9.90
N ALA A 91 13.28 -6.53 -9.85
CA ALA A 91 12.99 -7.19 -8.57
C ALA A 91 14.16 -7.99 -8.03
N PHE A 92 14.78 -8.78 -8.89
CA PHE A 92 15.83 -9.69 -8.34
C PHE A 92 17.19 -8.92 -8.32
N LYS A 93 17.61 -8.32 -9.43
CA LYS A 93 18.93 -7.67 -9.43
C LYS A 93 18.90 -6.39 -8.65
N MET A 94 17.96 -5.50 -9.00
CA MET A 94 18.04 -4.13 -8.52
C MET A 94 17.42 -3.94 -7.15
N ARG A 95 16.52 -4.84 -6.79
CA ARG A 95 15.79 -4.78 -5.54
C ARG A 95 15.00 -3.45 -5.42
N VAL A 96 14.49 -2.92 -6.54
CA VAL A 96 13.55 -1.81 -6.52
C VAL A 96 12.40 -2.08 -5.52
N ASP A 97 12.23 -1.18 -4.61
CA ASP A 97 11.15 -1.29 -3.63
C ASP A 97 9.75 -1.28 -4.37
N PRO A 98 8.90 -2.28 -4.16
CA PRO A 98 7.68 -2.40 -5.04
C PRO A 98 6.77 -1.18 -4.95
N SER A 99 6.97 -0.34 -3.93
CA SER A 99 6.16 0.88 -3.83
C SER A 99 6.49 1.88 -4.93
N ASN A 100 7.68 1.80 -5.53
CA ASN A 100 8.01 2.75 -6.59
C ASN A 100 7.34 2.49 -7.94
N PHE A 101 6.98 1.24 -8.24
CA PHE A 101 6.20 0.95 -9.45
C PHE A 101 4.92 1.73 -9.51
N LYS A 102 4.21 1.84 -8.39
CA LYS A 102 2.97 2.62 -8.40
C LYS A 102 3.26 4.06 -8.72
N ILE A 103 4.37 4.57 -8.22
CA ILE A 103 4.78 5.94 -8.51
C ILE A 103 4.99 6.14 -10.02
N LEU A 104 5.76 5.25 -10.63
CA LEU A 104 6.03 5.49 -12.09
C LEU A 104 4.70 5.35 -12.92
N SER A 105 3.88 4.35 -12.57
CA SER A 105 2.57 4.17 -13.14
C SER A 105 1.79 5.48 -13.06
N HIS A 106 1.69 6.02 -11.82
CA HIS A 106 0.98 7.26 -11.64
C HIS A 106 1.57 8.35 -12.57
N CYS A 107 2.90 8.44 -12.64
CA CYS A 107 3.52 9.52 -13.49
C CYS A 107 3.21 9.38 -15.02
N ILE A 108 3.13 8.15 -15.48
CA ILE A 108 2.78 7.86 -16.81
C ILE A 108 1.32 8.31 -17.02
N LEU A 109 0.40 7.97 -16.10
CA LEU A 109 -1.00 8.44 -16.30
C LEU A 109 -1.11 9.94 -16.31
N VAL A 110 -0.41 10.61 -15.39
CA VAL A 110 -0.40 12.08 -15.46
C VAL A 110 0.08 12.64 -16.85
N VAL A 111 1.12 12.04 -17.45
CA VAL A 111 1.70 12.59 -18.68
C VAL A 111 0.75 12.28 -19.87
N VAL A 112 0.17 11.08 -19.87
CA VAL A 112 -0.83 10.75 -20.85
C VAL A 112 -2.02 11.69 -20.72
N ALA A 113 -2.48 11.95 -19.48
CA ALA A 113 -3.62 12.87 -19.32
C ALA A 113 -3.24 14.29 -19.81
N LYS A 114 -2.05 14.78 -19.40
CA LYS A 114 -1.48 16.07 -19.85
C LYS A 114 -1.46 16.14 -21.40
N MET A 115 -0.96 15.07 -22.03
CA MET A 115 -0.75 15.08 -23.47
C MET A 115 -1.99 14.82 -24.31
N PHE A 116 -2.94 14.08 -23.77
CA PHE A 116 -4.09 13.61 -24.56
C PHE A 116 -5.31 13.75 -23.73
N PRO A 117 -5.64 14.99 -23.36
CA PRO A 117 -6.66 15.17 -22.31
C PRO A 117 -7.99 14.62 -22.83
N LYS A 118 -8.25 14.80 -24.13
CA LYS A 118 -9.51 14.43 -24.71
C LYS A 118 -9.62 12.90 -24.81
N GLU A 119 -8.51 12.24 -25.13
CA GLU A 119 -8.50 10.81 -25.17
C GLU A 119 -8.57 10.15 -23.79
N PHE A 120 -8.16 10.85 -22.73
CA PHE A 120 -7.95 10.14 -21.51
C PHE A 120 -9.23 10.36 -20.67
N THR A 121 -10.29 9.65 -21.04
CA THR A 121 -11.54 9.67 -20.29
C THR A 121 -11.37 8.76 -19.06
N PRO A 122 -12.37 8.82 -18.18
CA PRO A 122 -12.44 8.01 -16.96
C PRO A 122 -12.39 6.55 -17.38
N ASP A 123 -12.93 6.24 -18.55
CA ASP A 123 -13.01 4.90 -19.01
C ASP A 123 -11.62 4.41 -19.45
N ALA A 124 -10.90 5.27 -20.15
CA ALA A 124 -9.53 4.96 -20.50
C ALA A 124 -8.72 4.87 -19.22
N HIS A 125 -9.04 5.77 -18.31
CA HIS A 125 -8.29 5.82 -17.04
C HIS A 125 -8.43 4.52 -16.18
N VAL A 126 -9.64 3.93 -16.00
CA VAL A 126 -9.78 2.68 -15.19
C VAL A 126 -8.96 1.52 -15.76
N SER A 127 -9.04 1.36 -17.09
CA SER A 127 -8.39 0.27 -17.80
C SER A 127 -6.84 0.46 -17.89
N LEU A 128 -6.39 1.68 -18.20
CA LEU A 128 -4.96 1.95 -18.14
C LEU A 128 -4.44 1.80 -16.70
N ASP A 129 -5.26 2.09 -15.72
CA ASP A 129 -4.75 2.00 -14.35
C ASP A 129 -4.65 0.52 -13.96
N LYS A 130 -5.67 -0.24 -14.34
CA LYS A 130 -5.61 -1.76 -14.23
C LYS A 130 -4.43 -2.35 -14.93
N PHE A 131 -4.24 -1.93 -16.17
CA PHE A 131 -3.12 -2.45 -16.94
C PHE A 131 -1.78 -2.16 -16.30
N LEU A 132 -1.60 -0.91 -15.89
CA LEU A 132 -0.42 -0.52 -15.12
C LEU A 132 -0.19 -1.30 -13.79
N ALA A 133 -1.25 -1.55 -13.02
CA ALA A 133 -1.13 -2.43 -11.86
C ALA A 133 -0.63 -3.85 -12.22
N SER A 134 -1.16 -4.39 -13.30
CA SER A 134 -0.78 -5.73 -13.81
C SER A 134 0.66 -5.70 -14.19
N VAL A 135 1.07 -4.62 -14.88
CA VAL A 135 2.46 -4.39 -15.23
C VAL A 135 3.30 -4.37 -13.93
N ALA A 136 2.80 -3.66 -12.91
CA ALA A 136 3.51 -3.51 -11.68
C ALA A 136 3.62 -4.90 -10.93
N LEU A 137 2.53 -5.64 -10.88
CA LEU A 137 2.58 -6.99 -10.30
C LEU A 137 3.52 -7.94 -11.03
N ALA A 138 3.50 -7.87 -12.33
CA ALA A 138 4.22 -8.79 -13.13
C ALA A 138 5.71 -8.46 -12.93
N LEU A 139 6.10 -7.19 -12.73
CA LEU A 139 7.45 -6.77 -12.43
C LEU A 139 7.92 -7.19 -11.01
N ALA A 140 6.96 -7.48 -10.14
CA ALA A 140 7.26 -7.89 -8.78
C ALA A 140 7.45 -9.42 -8.66
N GLU A 141 7.34 -10.16 -9.77
CA GLU A 141 7.29 -11.63 -9.72
C GLU A 141 8.56 -12.25 -9.17
N ARG A 142 9.72 -11.66 -9.47
CA ARG A 142 11.01 -12.24 -9.12
C ARG A 142 11.66 -11.73 -7.82
N TYR A 143 10.88 -11.15 -6.88
CA TYR A 143 11.39 -10.76 -5.55
C TYR A 143 11.63 -12.04 -4.79
N ARG A 144 10.58 -12.89 -4.75
CA ARG A 144 10.43 -14.07 -3.83
C ARG A 144 9.89 -15.37 -4.41
N VAL B 1 4.66 22.23 5.58
CA VAL B 1 6.06 21.60 5.59
C VAL B 1 7.14 22.66 5.95
N GLU B 2 7.99 23.08 5.01
CA GLU B 2 8.92 24.24 5.15
C GLU B 2 9.00 24.94 3.79
N TRP B 3 7.91 25.58 3.46
CA TRP B 3 7.70 26.00 2.09
C TRP B 3 8.72 27.05 1.59
N THR B 4 9.25 26.90 0.38
CA THR B 4 9.92 28.06 -0.26
C THR B 4 8.80 28.97 -0.80
N GLN B 5 9.13 30.23 -1.10
CA GLN B 5 8.20 31.20 -1.69
C GLN B 5 7.71 30.76 -3.07
N GLN B 6 8.62 30.24 -3.88
CA GLN B 6 8.28 29.66 -5.15
C GLN B 6 7.17 28.56 -5.01
N GLU B 7 7.30 27.66 -4.05
CA GLU B 7 6.23 26.61 -3.84
C GLU B 7 4.97 27.34 -3.43
N ARG B 8 5.10 28.33 -2.52
CA ARG B 8 3.79 28.95 -2.10
C ARG B 8 3.07 29.55 -3.29
N SER B 9 3.85 30.23 -4.13
CA SER B 9 3.21 30.96 -5.19
C SER B 9 2.84 30.01 -6.34
N ILE B 10 3.57 28.91 -6.53
CA ILE B 10 3.08 27.87 -7.49
C ILE B 10 1.75 27.29 -7.06
N ILE B 11 1.60 26.98 -5.78
CA ILE B 11 0.45 26.29 -5.26
C ILE B 11 -0.69 27.24 -5.31
N ALA B 12 -0.58 28.45 -4.73
CA ALA B 12 -1.60 29.46 -4.93
C ALA B 12 -1.89 29.67 -6.47
N GLY B 13 -0.85 29.77 -7.30
CA GLY B 13 -1.02 29.82 -8.77
C GLY B 13 -1.93 28.72 -9.38
N ILE B 14 -1.73 27.46 -8.99
CA ILE B 14 -2.55 26.37 -9.48
C ILE B 14 -4.02 26.69 -9.07
N PHE B 15 -4.27 27.03 -7.81
CA PHE B 15 -5.69 27.16 -7.43
C PHE B 15 -6.32 28.48 -7.84
N ALA B 16 -5.49 29.47 -8.22
CA ALA B 16 -6.02 30.67 -8.86
C ALA B 16 -6.46 30.31 -10.27
N ASN B 17 -5.75 29.42 -10.93
CA ASN B 17 -6.11 29.10 -12.30
C ASN B 17 -7.40 28.24 -12.42
N LEU B 18 -7.63 27.33 -11.46
CA LEU B 18 -8.62 26.28 -11.63
C LEU B 18 -10.04 26.79 -11.51
N ASN B 19 -10.89 26.36 -12.40
CA ASN B 19 -12.29 26.54 -12.12
C ASN B 19 -12.87 25.32 -11.36
N TYR B 20 -13.16 25.49 -10.08
CA TYR B 20 -13.47 24.34 -9.26
C TYR B 20 -14.80 23.62 -9.69
N GLU B 21 -15.65 24.31 -10.44
CA GLU B 21 -16.96 23.80 -10.94
C GLU B 21 -16.67 22.75 -12.03
N ASP B 22 -15.48 22.82 -12.56
CA ASP B 22 -15.16 21.92 -13.66
C ASP B 22 -14.27 20.74 -13.14
N ILE B 23 -13.14 21.11 -12.51
CA ILE B 23 -12.21 20.22 -11.87
C ILE B 23 -12.86 19.35 -10.77
N GLY B 24 -13.66 19.92 -9.86
CA GLY B 24 -14.14 19.15 -8.72
C GLY B 24 -14.96 17.89 -9.10
N PRO B 25 -16.02 18.12 -9.82
CA PRO B 25 -16.87 17.01 -10.29
C PRO B 25 -16.07 15.98 -11.05
N LYS B 26 -15.19 16.42 -11.93
CA LYS B 26 -14.38 15.47 -12.70
C LYS B 26 -13.53 14.64 -11.81
N ALA B 27 -13.00 15.18 -10.73
CA ALA B 27 -11.93 14.49 -10.07
C ALA B 27 -12.61 13.43 -9.17
N LEU B 28 -13.64 13.90 -8.43
CA LEU B 28 -14.36 12.98 -7.59
C LEU B 28 -15.01 11.87 -8.40
N ALA B 29 -15.68 12.19 -9.49
CA ALA B 29 -16.31 11.13 -10.33
C ALA B 29 -15.29 10.11 -10.73
N ARG B 30 -14.14 10.61 -11.12
CA ARG B 30 -13.08 9.76 -11.59
C ARG B 30 -12.59 8.86 -10.46
N CYS B 31 -12.51 9.38 -9.23
CA CYS B 31 -12.17 8.57 -8.08
C CYS B 31 -13.15 7.39 -7.95
N LEU B 32 -14.46 7.69 -8.14
CA LEU B 32 -15.52 6.70 -7.90
C LEU B 32 -15.55 5.65 -8.98
N ILE B 33 -15.11 6.06 -10.16
CA ILE B 33 -15.13 5.16 -11.32
C ILE B 33 -13.87 4.29 -11.35
N VAL B 34 -12.73 4.90 -11.05
CA VAL B 34 -11.47 4.20 -11.13
C VAL B 34 -11.26 3.38 -9.87
N TYR B 35 -11.80 3.79 -8.72
CA TYR B 35 -11.61 3.01 -7.49
C TYR B 35 -12.97 2.74 -6.80
N PRO B 36 -13.77 1.87 -7.40
CA PRO B 36 -15.19 1.82 -7.05
C PRO B 36 -15.46 1.50 -5.61
N TRP B 37 -14.52 0.88 -4.92
CA TRP B 37 -14.75 0.75 -3.49
C TRP B 37 -14.99 2.04 -2.75
N THR B 38 -14.53 3.17 -3.31
CA THR B 38 -14.77 4.39 -2.60
C THR B 38 -16.26 4.72 -2.76
N GLN B 39 -16.98 4.13 -3.72
CA GLN B 39 -18.43 4.31 -3.75
C GLN B 39 -19.13 4.01 -2.38
N ARG B 40 -18.53 3.14 -1.57
CA ARG B 40 -19.14 2.72 -0.27
C ARG B 40 -19.56 3.89 0.61
N TYR B 41 -18.79 4.97 0.56
CA TYR B 41 -18.99 6.09 1.45
C TYR B 41 -20.08 7.06 0.92
N PHE B 42 -20.65 6.80 -0.25
CA PHE B 42 -21.55 7.75 -0.97
C PHE B 42 -22.93 7.16 -1.30
N GLY B 43 -23.32 6.11 -0.54
CA GLY B 43 -24.68 5.57 -0.57
C GLY B 43 -25.88 6.54 -0.57
N ALA B 44 -25.75 7.66 0.12
CA ALA B 44 -26.78 8.71 0.18
C ALA B 44 -26.80 9.66 -1.03
N TYR B 45 -25.86 9.49 -1.97
CA TYR B 45 -25.66 10.48 -3.04
C TYR B 45 -26.35 10.01 -4.34
N GLY B 46 -27.25 9.05 -4.16
CA GLY B 46 -28.15 8.60 -5.22
C GLY B 46 -27.51 7.61 -6.17
N ASP B 47 -27.61 7.90 -7.47
CA ASP B 47 -27.25 7.00 -8.58
C ASP B 47 -25.75 6.85 -8.97
N LEU B 48 -25.11 5.75 -8.55
CA LEU B 48 -23.68 5.46 -8.86
C LEU B 48 -23.40 4.20 -9.73
N SER B 49 -24.48 3.60 -10.29
CA SER B 49 -24.44 2.29 -11.00
C SER B 49 -23.43 2.20 -12.17
N THR B 50 -23.58 3.06 -13.17
CA THR B 50 -22.63 3.06 -14.28
C THR B 50 -21.78 4.29 -14.18
N PRO B 51 -20.69 4.34 -14.95
CA PRO B 51 -19.95 5.58 -15.22
C PRO B 51 -20.78 6.77 -15.71
N ASP B 52 -21.46 6.61 -16.85
CA ASP B 52 -22.24 7.70 -17.47
C ASP B 52 -23.14 8.34 -16.41
N ALA B 53 -23.70 7.51 -15.53
CA ALA B 53 -24.53 7.95 -14.43
C ALA B 53 -23.75 8.69 -13.35
N ILE B 54 -22.51 8.27 -13.11
CA ILE B 54 -21.67 9.00 -12.14
C ILE B 54 -21.45 10.42 -12.64
N LYS B 55 -21.11 10.56 -13.91
CA LYS B 55 -20.78 11.87 -14.40
C LYS B 55 -22.03 12.79 -14.43
N GLY B 56 -23.22 12.19 -14.30
CA GLY B 56 -24.45 12.91 -14.54
C GLY B 56 -25.02 13.28 -13.20
N ASN B 57 -24.27 12.93 -12.18
CA ASN B 57 -24.75 13.02 -10.83
C ASN B 57 -24.45 14.39 -10.24
N ALA B 58 -25.48 15.16 -9.97
CA ALA B 58 -25.35 16.52 -9.39
C ALA B 58 -24.92 16.53 -7.92
N LYS B 59 -25.24 15.52 -7.16
CA LYS B 59 -24.85 15.47 -5.78
C LYS B 59 -23.30 15.16 -5.67
N ILE B 60 -22.85 14.22 -6.51
CA ILE B 60 -21.40 13.86 -6.60
C ILE B 60 -20.64 15.09 -7.13
N ALA B 61 -21.10 15.66 -8.21
CA ALA B 61 -20.51 16.87 -8.76
C ALA B 61 -20.34 17.99 -7.72
N ALA B 62 -21.41 18.32 -6.97
CA ALA B 62 -21.32 19.39 -5.97
C ALA B 62 -20.32 19.02 -4.86
N HIS B 63 -20.29 17.75 -4.53
CA HIS B 63 -19.39 17.32 -3.49
C HIS B 63 -17.92 17.42 -3.97
N GLY B 64 -17.68 17.14 -5.25
CA GLY B 64 -16.35 17.33 -5.83
C GLY B 64 -15.96 18.79 -5.68
N VAL B 65 -16.89 19.70 -6.05
CA VAL B 65 -16.60 21.16 -5.83
C VAL B 65 -16.30 21.49 -4.35
N LYS B 66 -17.01 20.86 -3.37
CA LYS B 66 -16.67 21.13 -1.94
C LYS B 66 -15.29 20.65 -1.59
N VAL B 67 -14.84 19.56 -2.24
CA VAL B 67 -13.49 19.03 -1.94
C VAL B 67 -12.41 20.07 -2.39
N LEU B 68 -12.67 20.74 -3.51
CA LEU B 68 -11.75 21.76 -4.02
C LEU B 68 -11.75 23.01 -3.08
N HIS B 69 -12.92 23.48 -2.66
CA HIS B 69 -13.01 24.48 -1.59
C HIS B 69 -12.29 24.09 -0.29
N GLY B 70 -12.38 22.82 0.10
CA GLY B 70 -11.53 22.21 1.11
C GLY B 70 -10.04 22.39 0.85
N LEU B 71 -9.62 22.04 -0.35
CA LEU B 71 -8.22 22.23 -0.72
C LEU B 71 -7.84 23.68 -0.66
N ASP B 72 -8.69 24.53 -1.21
CA ASP B 72 -8.41 25.97 -1.28
C ASP B 72 -8.12 26.53 0.15
N ARG B 73 -8.99 26.19 1.11
CA ARG B 73 -8.77 26.37 2.53
C ARG B 73 -7.38 25.92 3.00
N ALA B 74 -6.93 24.73 2.58
CA ALA B 74 -5.56 24.35 2.89
C ALA B 74 -4.56 25.34 2.21
N VAL B 75 -4.79 25.77 0.99
CA VAL B 75 -3.86 26.79 0.39
C VAL B 75 -3.85 28.15 1.22
N LYS B 76 -4.99 28.55 1.77
CA LYS B 76 -5.06 29.69 2.75
C LYS B 76 -4.31 29.46 4.04
N ASN B 77 -3.96 28.21 4.31
CA ASN B 77 -3.36 27.80 5.58
C ASN B 77 -2.13 26.94 5.45
N MET B 78 -1.19 27.33 4.59
CA MET B 78 -0.18 26.35 4.14
C MET B 78 0.76 25.89 5.26
N ASP B 79 0.82 26.70 6.33
CA ASP B 79 1.74 26.41 7.44
C ASP B 79 1.03 25.71 8.61
N ASN B 80 -0.26 25.47 8.44
CA ASN B 80 -1.09 24.89 9.48
C ASN B 80 -2.23 24.16 8.88
N ILE B 81 -1.92 23.33 7.89
CA ILE B 81 -2.96 22.50 7.36
C ILE B 81 -3.47 21.56 8.48
N ASN B 82 -2.60 21.07 9.36
CA ASN B 82 -3.00 20.22 10.48
C ASN B 82 -4.18 20.80 11.28
N GLU B 83 -3.94 21.97 11.89
CA GLU B 83 -4.98 22.75 12.57
C GLU B 83 -6.16 23.09 11.66
N ALA B 84 -5.89 23.57 10.46
CA ALA B 84 -7.00 23.92 9.57
C ALA B 84 -7.80 22.67 9.20
N TYR B 85 -7.16 21.50 9.26
CA TYR B 85 -7.91 20.30 8.89
C TYR B 85 -8.49 19.43 10.04
N SER B 86 -8.18 19.81 11.28
CA SER B 86 -8.57 18.99 12.46
C SER B 86 -10.01 18.36 12.38
N GLU B 87 -11.04 19.17 12.14
CA GLU B 87 -12.43 18.68 11.96
C GLU B 87 -12.63 17.81 10.71
N LEU B 88 -11.84 18.09 9.67
CA LEU B 88 -11.96 17.27 8.45
C LEU B 88 -11.37 15.91 8.78
N SER B 89 -10.36 15.93 9.64
CA SER B 89 -9.62 14.73 10.10
C SER B 89 -10.45 13.93 11.06
N VAL B 90 -11.07 14.59 12.03
CA VAL B 90 -12.08 13.94 12.85
C VAL B 90 -13.14 13.28 11.93
N LEU B 91 -13.65 14.06 10.97
CA LEU B 91 -14.62 13.49 10.04
C LEU B 91 -14.06 12.29 9.17
N HIS B 92 -12.99 12.47 8.40
CA HIS B 92 -12.49 11.34 7.58
C HIS B 92 -11.89 10.18 8.39
N SER B 93 -11.07 10.46 9.39
CA SER B 93 -10.42 9.36 10.18
C SER B 93 -11.12 8.83 11.45
N ASP B 94 -11.71 9.70 12.27
CA ASP B 94 -12.31 9.22 13.52
C ASP B 94 -13.73 8.74 13.29
N LYS B 95 -14.46 9.38 12.36
CA LYS B 95 -15.89 9.05 12.23
C LYS B 95 -16.17 8.01 11.14
N LEU B 96 -15.69 8.32 9.94
CA LEU B 96 -15.92 7.52 8.72
C LEU B 96 -14.92 6.38 8.51
N HIS B 97 -13.78 6.48 9.22
CA HIS B 97 -12.53 5.66 9.11
C HIS B 97 -12.08 5.32 7.69
N VAL B 98 -11.86 6.35 6.93
CA VAL B 98 -11.47 6.13 5.55
C VAL B 98 -10.00 5.69 5.67
N ASP B 99 -9.65 4.57 5.08
CA ASP B 99 -8.23 4.18 5.03
C ASP B 99 -7.30 5.27 4.37
N PRO B 100 -6.17 5.64 4.99
CA PRO B 100 -5.35 6.75 4.43
C PRO B 100 -5.05 6.55 2.94
N ASP B 101 -5.01 5.31 2.44
CA ASP B 101 -4.67 5.05 1.06
C ASP B 101 -5.72 5.67 0.14
N ASN B 102 -6.93 5.89 0.68
CA ASN B 102 -7.94 6.45 -0.15
C ASN B 102 -7.71 7.94 -0.38
N PHE B 103 -6.95 8.61 0.52
CA PHE B 103 -6.87 10.07 0.40
C PHE B 103 -5.82 10.27 -0.67
N ARG B 104 -4.85 9.36 -0.65
CA ARG B 104 -3.78 9.26 -1.62
C ARG B 104 -4.40 9.12 -2.99
N ILE B 105 -5.32 8.16 -3.06
CA ILE B 105 -5.89 7.84 -4.35
C ILE B 105 -6.80 8.95 -4.89
N LEU B 106 -7.56 9.62 -4.05
CA LEU B 106 -8.26 10.72 -4.70
C LEU B 106 -7.29 11.89 -5.03
N GLY B 107 -6.25 12.07 -4.21
CA GLY B 107 -5.19 13.06 -4.52
C GLY B 107 -4.68 12.80 -5.93
N ASP B 108 -4.39 11.51 -6.21
CA ASP B 108 -3.82 11.16 -7.53
C ASP B 108 -4.75 11.49 -8.71
N CYS B 109 -6.02 11.13 -8.51
CA CYS B 109 -7.13 11.44 -9.41
C CYS B 109 -7.21 12.91 -9.67
N LEU B 110 -7.12 13.67 -8.58
CA LEU B 110 -7.13 15.12 -8.75
C LEU B 110 -5.93 15.61 -9.57
N THR B 111 -4.76 15.06 -9.29
CA THR B 111 -3.58 15.50 -10.04
C THR B 111 -3.75 15.14 -11.55
N VAL B 112 -4.32 13.97 -11.81
CA VAL B 112 -4.61 13.56 -13.25
C VAL B 112 -5.57 14.52 -13.96
N VAL B 113 -6.66 14.89 -13.28
CA VAL B 113 -7.58 15.93 -13.79
C VAL B 113 -6.87 17.29 -13.96
N ILE B 114 -6.12 17.73 -12.95
CA ILE B 114 -5.50 19.01 -13.06
C ILE B 114 -4.52 19.00 -14.23
N ALA B 115 -3.83 17.87 -14.44
CA ALA B 115 -2.89 17.73 -15.53
C ALA B 115 -3.57 17.86 -16.89
N ALA B 116 -4.73 17.23 -17.05
CA ALA B 116 -5.43 17.23 -18.33
C ALA B 116 -5.87 18.67 -18.65
N ASN B 117 -6.27 19.38 -17.59
CA ASN B 117 -6.83 20.71 -17.70
C ASN B 117 -5.73 21.76 -17.99
N LEU B 118 -4.58 21.63 -17.36
CA LEU B 118 -3.61 22.73 -17.39
C LEU B 118 -2.70 22.73 -18.57
N GLY B 119 -2.64 21.56 -19.20
CA GLY B 119 -1.71 21.23 -20.26
C GLY B 119 -0.27 21.71 -20.00
N ASP B 120 0.19 22.58 -20.89
CA ASP B 120 1.58 23.04 -20.79
C ASP B 120 1.84 23.80 -19.50
N ALA B 121 0.79 24.27 -18.82
CA ALA B 121 1.04 24.91 -17.51
C ALA B 121 1.39 23.89 -16.44
N PHE B 122 1.04 22.61 -16.64
CA PHE B 122 1.44 21.59 -15.64
C PHE B 122 2.95 21.18 -15.73
N THR B 123 3.89 22.10 -15.50
CA THR B 123 5.33 21.76 -15.50
C THR B 123 5.73 20.78 -14.40
N VAL B 124 6.99 20.34 -14.48
CA VAL B 124 7.54 19.38 -13.59
C VAL B 124 7.51 20.11 -12.22
N GLU B 125 8.01 21.33 -12.23
CA GLU B 125 8.11 22.12 -11.02
C GLU B 125 6.72 22.25 -10.33
N THR B 126 5.70 22.51 -11.14
CA THR B 126 4.31 22.64 -10.68
C THR B 126 3.86 21.37 -9.96
N GLN B 127 4.01 20.19 -10.62
CA GLN B 127 3.70 18.92 -9.97
C GLN B 127 4.51 18.66 -8.77
N CYS B 128 5.77 19.04 -8.74
CA CYS B 128 6.54 18.81 -7.51
C CYS B 128 5.91 19.53 -6.31
N ALA B 129 5.54 20.76 -6.55
CA ALA B 129 4.99 21.52 -5.43
C ALA B 129 3.56 21.03 -5.09
N PHE B 130 2.79 20.71 -6.13
CA PHE B 130 1.43 20.20 -5.94
C PHE B 130 1.38 18.90 -5.12
N GLN B 131 2.38 18.05 -5.28
CA GLN B 131 2.38 16.74 -4.63
C GLN B 131 2.83 16.91 -3.21
N LYS B 132 3.80 17.82 -3.01
CA LYS B 132 4.28 18.14 -1.65
C LYS B 132 3.03 18.56 -0.86
N PHE B 133 2.26 19.48 -1.47
CA PHE B 133 1.02 19.96 -0.93
C PHE B 133 0.00 18.84 -0.60
N LEU B 134 -0.32 17.98 -1.57
CA LEU B 134 -1.27 16.89 -1.29
C LEU B 134 -0.71 15.97 -0.25
N ALA B 135 0.60 15.84 -0.16
CA ALA B 135 1.10 14.94 0.83
C ALA B 135 0.84 15.53 2.22
N VAL B 136 0.83 16.87 2.36
CA VAL B 136 0.49 17.48 3.67
C VAL B 136 -1.03 17.26 3.95
N VAL B 137 -1.85 17.47 2.92
CA VAL B 137 -3.25 17.30 3.10
C VAL B 137 -3.62 15.90 3.57
N VAL B 138 -3.10 14.84 2.93
CA VAL B 138 -3.45 13.47 3.34
C VAL B 138 -2.96 13.10 4.75
N PHE B 139 -1.79 13.57 5.16
CA PHE B 139 -1.27 13.44 6.53
C PHE B 139 -2.22 14.20 7.50
N ALA B 140 -2.63 15.43 7.17
CA ALA B 140 -3.65 16.13 7.97
C ALA B 140 -5.02 15.40 8.08
N LEU B 141 -5.54 14.83 6.98
CA LEU B 141 -6.73 13.98 7.02
C LEU B 141 -6.64 12.72 7.93
N GLY B 142 -5.45 12.16 8.10
CA GLY B 142 -5.27 10.93 8.82
C GLY B 142 -4.72 11.06 10.22
C ACE C 1 4.14 -12.19 -7.04
O ACE C 1 4.38 -12.88 -6.01
CH3 ACE C 1 4.62 -10.78 -7.14
N THR C 2 2.91 -12.15 -7.59
CA THR C 2 1.87 -12.72 -6.80
C THR C 2 1.81 -14.24 -7.10
N THR C 3 2.28 -14.69 -8.26
CA THR C 3 1.92 -16.07 -8.63
C THR C 3 2.68 -17.09 -7.78
N LEU C 4 2.00 -18.17 -7.47
CA LEU C 4 2.57 -19.16 -6.55
C LEU C 4 3.49 -20.17 -7.25
N SER C 5 4.65 -20.46 -6.65
CA SER C 5 5.48 -21.51 -7.23
C SER C 5 4.91 -22.87 -6.78
N ASP C 6 5.36 -23.93 -7.45
CA ASP C 6 5.20 -25.32 -6.99
C ASP C 6 5.62 -25.52 -5.50
N LYS C 7 6.81 -25.02 -5.18
CA LYS C 7 7.33 -24.97 -3.82
C LYS C 7 6.27 -24.28 -2.92
N ASP C 8 5.85 -23.06 -3.31
CA ASP C 8 4.81 -22.35 -2.55
C ASP C 8 3.61 -23.24 -2.32
N LYS C 9 3.09 -23.92 -3.38
CA LYS C 9 1.80 -24.62 -3.12
C LYS C 9 1.90 -25.84 -2.17
N SER C 10 2.96 -26.62 -2.28
CA SER C 10 3.23 -27.73 -1.30
C SER C 10 3.41 -27.27 0.10
N THR C 11 4.22 -26.23 0.26
CA THR C 11 4.41 -25.63 1.58
C THR C 11 3.06 -25.32 2.20
N VAL C 12 2.22 -24.56 1.47
CA VAL C 12 0.96 -24.17 2.05
C VAL C 12 0.09 -25.42 2.31
N LYS C 13 0.08 -26.35 1.35
CA LYS C 13 -0.62 -27.63 1.59
C LYS C 13 -0.11 -28.39 2.84
N ALA C 14 1.20 -28.63 2.94
CA ALA C 14 1.75 -29.32 4.11
C ALA C 14 1.35 -28.58 5.36
N LEU C 15 1.45 -27.23 5.33
CA LEU C 15 1.27 -26.47 6.54
C LEU C 15 -0.17 -26.51 6.87
N TRP C 16 -0.98 -26.48 5.81
CA TRP C 16 -2.39 -26.56 5.99
C TRP C 16 -2.76 -28.03 6.36
N GLY C 17 -2.09 -29.01 5.75
CA GLY C 17 -2.04 -30.38 6.27
C GLY C 17 -1.95 -30.49 7.80
N LYS C 18 -0.88 -29.92 8.40
CA LYS C 18 -0.69 -29.80 9.88
C LYS C 18 -1.69 -28.93 10.64
N ILE C 19 -2.13 -27.82 10.09
CA ILE C 19 -2.92 -26.94 10.96
C ILE C 19 -4.43 -26.96 10.67
N SER C 20 -4.92 -27.68 9.62
CA SER C 20 -6.38 -27.69 9.35
C SER C 20 -7.24 -27.98 10.55
N LYS C 21 -6.83 -28.94 11.35
CA LYS C 21 -7.57 -29.32 12.54
C LYS C 21 -7.86 -28.21 13.51
N SER C 22 -7.14 -27.08 13.41
CA SER C 22 -7.44 -25.92 14.28
C SER C 22 -8.08 -24.70 13.54
N ALA C 23 -8.41 -24.91 12.27
CA ALA C 23 -9.21 -23.94 11.44
C ALA C 23 -10.24 -23.09 12.16
N ASP C 24 -11.25 -23.69 12.81
CA ASP C 24 -12.28 -22.85 13.42
C ASP C 24 -11.65 -21.92 14.46
N ALA C 25 -10.58 -22.38 15.09
CA ALA C 25 -10.05 -21.53 16.17
C ALA C 25 -9.13 -20.42 15.56
N ILE C 26 -8.36 -20.70 14.52
CA ILE C 26 -7.52 -19.70 13.82
C ILE C 26 -8.42 -18.58 13.31
N GLY C 27 -9.47 -18.97 12.55
CA GLY C 27 -10.46 -18.01 12.06
C GLY C 27 -11.01 -17.09 13.14
N ALA C 28 -11.51 -17.71 14.18
CA ALA C 28 -12.07 -16.94 15.26
C ALA C 28 -11.06 -16.05 15.98
N ASP C 29 -9.87 -16.56 16.25
CA ASP C 29 -8.85 -15.71 16.91
C ASP C 29 -8.36 -14.59 15.95
N ALA C 30 -8.11 -14.92 14.68
CA ALA C 30 -7.57 -13.91 13.71
C ALA C 30 -8.67 -12.82 13.47
N LEU C 31 -9.89 -13.26 13.28
CA LEU C 31 -10.98 -12.30 13.10
C LEU C 31 -11.15 -11.52 14.32
N GLY C 32 -11.15 -12.22 15.46
CA GLY C 32 -11.31 -11.47 16.73
C GLY C 32 -10.16 -10.46 16.91
N ARG C 33 -8.98 -10.84 16.47
CA ARG C 33 -7.83 -9.92 16.53
C ARG C 33 -7.89 -8.77 15.47
N MET C 34 -8.24 -9.06 14.21
CA MET C 34 -8.54 -7.96 13.29
C MET C 34 -9.38 -6.83 13.94
N LEU C 35 -10.59 -7.17 14.44
CA LEU C 35 -11.55 -6.21 14.97
C LEU C 35 -11.10 -5.45 16.21
N ALA C 36 -10.35 -6.07 17.11
CA ALA C 36 -9.88 -5.34 18.29
C ALA C 36 -8.58 -4.51 17.98
N VAL C 37 -7.64 -5.06 17.20
CA VAL C 37 -6.29 -4.38 17.14
C VAL C 37 -6.38 -3.28 16.10
N TYR C 38 -7.26 -3.49 15.12
CA TYR C 38 -7.49 -2.60 13.98
C TYR C 38 -9.02 -2.25 13.89
N PRO C 39 -9.50 -1.48 14.85
CA PRO C 39 -10.94 -1.17 15.01
C PRO C 39 -11.60 -0.44 13.82
N GLN C 40 -10.81 0.08 12.85
CA GLN C 40 -11.35 0.63 11.62
C GLN C 40 -12.11 -0.47 10.88
N THR C 41 -11.68 -1.71 11.07
CA THR C 41 -12.35 -2.86 10.41
C THR C 41 -13.73 -3.14 10.96
N LYS C 42 -14.13 -2.52 12.08
CA LYS C 42 -15.48 -2.81 12.63
C LYS C 42 -16.64 -2.39 11.69
N THR C 43 -16.42 -1.34 10.90
CA THR C 43 -17.47 -0.85 10.00
C THR C 43 -18.19 -1.88 9.20
N TYR C 44 -17.49 -2.91 8.77
CA TYR C 44 -18.12 -3.93 7.91
C TYR C 44 -18.96 -4.97 8.67
N PHE C 45 -18.86 -4.94 10.00
CA PHE C 45 -19.37 -5.99 10.89
C PHE C 45 -20.33 -5.37 11.94
N SER C 46 -20.46 -4.04 11.90
CA SER C 46 -21.33 -3.23 12.78
C SER C 46 -22.80 -3.73 12.97
N HIS C 47 -23.29 -4.59 12.07
CA HIS C 47 -24.64 -5.13 12.25
C HIS C 47 -24.71 -6.32 13.26
N TRP C 48 -23.58 -7.05 13.43
CA TRP C 48 -23.38 -7.96 14.58
C TRP C 48 -23.66 -7.34 15.95
N PRO C 49 -24.31 -8.11 16.84
CA PRO C 49 -24.55 -7.64 18.22
C PRO C 49 -23.32 -7.67 19.14
N ASP C 50 -22.23 -8.29 18.67
CA ASP C 50 -21.02 -8.44 19.47
C ASP C 50 -19.90 -8.75 18.50
N MET C 51 -18.82 -7.97 18.57
CA MET C 51 -17.63 -8.25 17.74
C MET C 51 -16.39 -8.68 18.57
N SER C 52 -16.57 -8.84 19.88
CA SER C 52 -15.50 -9.08 20.82
C SER C 52 -14.87 -10.46 20.61
N PRO C 53 -13.61 -10.59 21.03
CA PRO C 53 -12.86 -11.86 20.79
C PRO C 53 -13.56 -13.06 21.51
N GLY C 54 -13.63 -14.21 20.86
CA GLY C 54 -14.50 -15.34 21.25
C GLY C 54 -16.05 -15.23 21.30
N SER C 55 -16.65 -14.11 20.83
CA SER C 55 -18.11 -13.89 20.90
C SER C 55 -18.66 -14.81 19.89
N GLY C 56 -19.99 -15.02 19.93
CA GLY C 56 -20.58 -15.99 19.04
C GLY C 56 -20.42 -15.65 17.56
N PRO C 57 -20.69 -14.40 17.23
CA PRO C 57 -20.53 -13.98 15.82
C PRO C 57 -19.07 -14.23 15.32
N VAL C 58 -18.06 -13.81 16.11
CA VAL C 58 -16.67 -14.00 15.61
C VAL C 58 -16.28 -15.45 15.45
N LYS C 59 -16.71 -16.27 16.41
CA LYS C 59 -16.48 -17.72 16.30
C LYS C 59 -17.20 -18.32 15.10
N ALA C 60 -18.44 -17.91 14.93
CA ALA C 60 -19.23 -18.43 13.81
C ALA C 60 -18.60 -17.99 12.47
N HIS C 61 -18.37 -16.69 12.35
CA HIS C 61 -17.72 -16.20 11.14
C HIS C 61 -16.28 -16.64 10.93
N GLY C 62 -15.51 -16.64 12.02
CA GLY C 62 -14.12 -17.14 11.95
C GLY C 62 -14.11 -18.48 11.34
N LYS C 63 -15.13 -19.23 11.67
CA LYS C 63 -15.29 -20.52 11.03
C LYS C 63 -15.44 -20.49 9.47
N LYS C 64 -16.28 -19.60 8.98
CA LYS C 64 -16.52 -19.43 7.53
C LYS C 64 -15.28 -18.93 6.77
N VAL C 65 -14.62 -17.94 7.38
CA VAL C 65 -13.35 -17.35 6.80
C VAL C 65 -12.29 -18.42 6.57
N MET C 66 -12.09 -19.24 7.58
CA MET C 66 -11.16 -20.38 7.42
C MET C 66 -11.71 -21.50 6.50
N GLY C 67 -13.04 -21.63 6.48
CA GLY C 67 -13.71 -22.31 5.36
C GLY C 67 -13.24 -21.86 3.98
N GLY C 68 -13.30 -20.54 3.82
CA GLY C 68 -12.80 -19.90 2.57
C GLY C 68 -11.35 -20.10 2.42
N VAL C 69 -10.60 -20.05 3.52
CA VAL C 69 -9.17 -20.35 3.35
C VAL C 69 -8.88 -21.73 2.78
N ALA C 70 -9.56 -22.72 3.33
CA ALA C 70 -9.47 -24.13 2.85
C ALA C 70 -9.73 -24.30 1.37
N LEU C 71 -10.82 -23.67 0.95
CA LEU C 71 -11.19 -23.61 -0.46
C LEU C 71 -10.01 -23.14 -1.27
N ALA C 72 -9.35 -22.04 -0.81
CA ALA C 72 -8.27 -21.44 -1.59
C ALA C 72 -7.24 -22.44 -1.73
N VAL C 73 -6.93 -23.12 -0.62
CA VAL C 73 -5.89 -24.17 -0.60
C VAL C 73 -6.20 -25.21 -1.64
N SER C 74 -7.41 -25.74 -1.62
CA SER C 74 -7.82 -26.73 -2.71
C SER C 74 -7.83 -26.07 -4.10
N LYS C 75 -8.19 -24.78 -4.10
CA LYS C 75 -8.23 -24.05 -5.39
C LYS C 75 -6.91 -23.41 -5.85
N ILE C 76 -5.82 -23.75 -5.17
CA ILE C 76 -4.58 -22.96 -5.28
C ILE C 76 -4.02 -22.78 -6.67
N ASP C 77 -4.43 -23.61 -7.61
CA ASP C 77 -3.91 -23.42 -8.95
C ASP C 77 -4.76 -22.36 -9.72
N ASP C 78 -5.94 -22.02 -9.22
CA ASP C 78 -6.82 -20.99 -9.79
C ASP C 78 -7.64 -20.34 -8.74
N LEU C 79 -7.03 -19.39 -8.00
CA LEU C 79 -7.76 -18.64 -6.97
C LEU C 79 -8.85 -17.70 -7.54
N THR C 80 -8.61 -17.15 -8.72
CA THR C 80 -9.51 -16.24 -9.47
C THR C 80 -10.90 -16.89 -9.63
N THR C 81 -10.94 -18.05 -10.32
CA THR C 81 -12.20 -18.75 -10.53
C THR C 81 -12.60 -19.26 -9.16
N GLY C 82 -11.62 -19.89 -8.48
CA GLY C 82 -11.85 -20.44 -7.14
C GLY C 82 -12.68 -19.54 -6.23
N LEU C 83 -12.25 -18.28 -6.14
CA LEU C 83 -12.86 -17.37 -5.17
C LEU C 83 -13.84 -16.31 -5.86
N GLY C 84 -14.19 -16.56 -7.13
CA GLY C 84 -15.14 -15.71 -7.86
C GLY C 84 -16.30 -15.22 -7.04
N ASP C 85 -17.07 -16.16 -6.48
CA ASP C 85 -18.24 -15.80 -5.62
C ASP C 85 -17.96 -14.94 -4.41
N LEU C 86 -16.91 -15.28 -3.67
CA LEU C 86 -16.62 -14.50 -2.46
C LEU C 86 -16.07 -13.13 -2.83
N SER C 87 -15.39 -13.04 -3.95
CA SER C 87 -14.92 -11.73 -4.47
C SER C 87 -16.09 -10.80 -4.85
N GLU C 88 -16.99 -11.38 -5.63
CA GLU C 88 -18.34 -10.83 -5.79
C GLU C 88 -18.92 -10.36 -4.53
N LEU C 89 -18.91 -11.18 -3.48
CA LEU C 89 -19.47 -10.66 -2.19
C LEU C 89 -18.66 -9.50 -1.55
N HIS C 90 -17.33 -9.64 -1.53
CA HIS C 90 -16.54 -8.66 -0.75
C HIS C 90 -16.30 -7.39 -1.56
N ALA C 91 -15.93 -7.58 -2.81
CA ALA C 91 -15.29 -6.51 -3.58
C ALA C 91 -16.37 -5.76 -4.32
N PHE C 92 -17.36 -6.52 -4.78
CA PHE C 92 -18.47 -5.85 -5.49
C PHE C 92 -19.61 -5.49 -4.56
N LYS C 93 -20.32 -6.50 -4.04
CA LYS C 93 -21.42 -6.21 -3.12
C LYS C 93 -21.11 -5.38 -1.86
N MET C 94 -20.08 -5.78 -1.10
CA MET C 94 -19.81 -5.09 0.18
C MET C 94 -18.83 -3.95 -0.02
N ARG C 95 -18.06 -3.94 -1.12
CA ARG C 95 -17.13 -2.82 -1.30
C ARG C 95 -16.07 -2.78 -0.14
N VAL C 96 -15.53 -3.94 0.29
CA VAL C 96 -14.64 -3.90 1.43
C VAL C 96 -13.34 -3.20 0.91
N ASP C 97 -12.83 -2.20 1.61
CA ASP C 97 -11.62 -1.53 1.17
C ASP C 97 -10.41 -2.52 1.15
N PRO C 98 -9.66 -2.53 0.04
CA PRO C 98 -8.52 -3.47 -0.23
C PRO C 98 -7.47 -3.43 0.85
N SER C 99 -7.23 -2.24 1.38
CA SER C 99 -6.31 -2.12 2.53
C SER C 99 -6.66 -3.08 3.67
N ASN C 100 -7.95 -3.46 3.77
CA ASN C 100 -8.38 -4.41 4.82
C ASN C 100 -7.91 -5.84 4.60
N PHE C 101 -7.86 -6.33 3.37
CA PHE C 101 -7.43 -7.73 3.14
C PHE C 101 -6.02 -7.91 3.75
N LYS C 102 -5.14 -6.91 3.68
CA LYS C 102 -3.76 -7.09 4.28
C LYS C 102 -3.83 -7.17 5.79
N ILE C 103 -4.80 -6.51 6.40
CA ILE C 103 -4.93 -6.53 7.87
C ILE C 103 -5.31 -7.95 8.31
N LEU C 104 -6.38 -8.51 7.75
CA LEU C 104 -6.77 -9.86 8.15
C LEU C 104 -5.68 -10.89 7.86
N SER C 105 -4.98 -10.74 6.74
CA SER C 105 -3.88 -11.62 6.36
C SER C 105 -2.77 -11.69 7.40
N HIS C 106 -2.23 -10.51 7.71
CA HIS C 106 -1.38 -10.29 8.91
C HIS C 106 -1.93 -10.99 10.21
N CYS C 107 -3.18 -10.72 10.62
CA CYS C 107 -3.78 -11.37 11.80
C CYS C 107 -3.80 -12.91 11.77
N ILE C 108 -3.98 -13.49 10.59
CA ILE C 108 -3.91 -14.90 10.39
C ILE C 108 -2.47 -15.46 10.53
N LEU C 109 -1.45 -14.74 9.99
CA LEU C 109 -0.07 -15.23 10.17
C LEU C 109 0.34 -15.10 11.64
N VAL C 110 -0.15 -14.07 12.33
CA VAL C 110 0.18 -13.91 13.78
C VAL C 110 -0.35 -15.03 14.68
N VAL C 111 -1.64 -15.33 14.51
CA VAL C 111 -2.28 -16.41 15.21
C VAL C 111 -1.69 -17.75 14.84
N VAL C 112 -1.36 -17.96 13.60
CA VAL C 112 -0.71 -19.17 13.16
C VAL C 112 0.71 -19.30 13.78
N ALA C 113 1.47 -18.20 13.83
CA ALA C 113 2.82 -18.18 14.44
C ALA C 113 2.68 -18.58 15.88
N LYS C 114 1.71 -17.95 16.54
CA LYS C 114 1.48 -18.12 17.95
C LYS C 114 1.08 -19.57 18.27
N MET C 115 0.25 -20.18 17.42
CA MET C 115 -0.24 -21.52 17.67
C MET C 115 0.76 -22.59 17.27
N PHE C 116 1.43 -22.41 16.14
CA PHE C 116 2.38 -23.35 15.57
C PHE C 116 3.82 -22.73 15.39
N PRO C 117 4.41 -22.25 16.51
CA PRO C 117 5.67 -21.49 16.48
C PRO C 117 6.76 -22.30 15.81
N LYS C 118 6.75 -23.62 16.02
CA LYS C 118 7.78 -24.46 15.41
C LYS C 118 7.57 -24.78 13.92
N GLU C 119 6.31 -24.89 13.48
CA GLU C 119 6.06 -25.11 12.05
C GLU C 119 6.12 -23.77 11.31
N PHE C 120 5.82 -22.67 12.01
CA PHE C 120 5.88 -21.33 11.38
C PHE C 120 7.32 -20.75 11.20
N THR C 121 8.03 -21.44 10.35
CA THR C 121 9.38 -21.19 9.93
C THR C 121 9.39 -19.99 8.96
N PRO C 122 10.53 -19.31 8.81
CA PRO C 122 10.62 -18.27 7.78
C PRO C 122 10.19 -18.84 6.39
N ASP C 123 10.51 -20.10 6.16
CA ASP C 123 10.14 -20.69 4.87
C ASP C 123 8.63 -20.76 4.70
N ALA C 124 7.96 -21.30 5.71
CA ALA C 124 6.51 -21.26 5.78
C ALA C 124 5.87 -19.87 5.61
N HIS C 125 6.43 -18.88 6.30
CA HIS C 125 5.97 -17.50 6.36
C HIS C 125 5.91 -16.93 4.96
N VAL C 126 6.96 -17.16 4.20
CA VAL C 126 7.15 -16.57 2.91
C VAL C 126 6.07 -17.16 2.02
N SER C 127 5.85 -18.49 2.08
CA SER C 127 4.84 -19.12 1.26
C SER C 127 3.42 -18.81 1.72
N LEU C 128 3.17 -18.83 3.02
CA LEU C 128 1.87 -18.50 3.57
C LEU C 128 1.48 -17.06 3.22
N ASP C 129 2.41 -16.14 3.43
CA ASP C 129 2.24 -14.73 3.06
C ASP C 129 1.96 -14.59 1.56
N LYS C 130 2.70 -15.25 0.69
CA LYS C 130 2.40 -15.19 -0.72
C LYS C 130 1.02 -15.66 -0.96
N PHE C 131 0.67 -16.75 -0.31
CA PHE C 131 -0.59 -17.41 -0.57
C PHE C 131 -1.67 -16.46 -0.15
N LEU C 132 -1.59 -15.90 1.04
CA LEU C 132 -2.62 -14.94 1.56
C LEU C 132 -2.72 -13.67 0.73
N ALA C 133 -1.61 -13.30 0.08
CA ALA C 133 -1.67 -12.23 -0.87
C ALA C 133 -2.41 -12.66 -2.12
N SER C 134 -2.31 -13.95 -2.53
CA SER C 134 -2.90 -14.34 -3.84
C SER C 134 -4.40 -14.44 -3.62
N VAL C 135 -4.78 -14.73 -2.40
CA VAL C 135 -6.16 -14.84 -1.97
C VAL C 135 -6.71 -13.43 -1.96
N ALA C 136 -6.05 -12.52 -1.25
CA ALA C 136 -6.38 -11.07 -1.35
C ALA C 136 -6.62 -10.58 -2.81
N LEU C 137 -5.69 -10.90 -3.69
CA LEU C 137 -5.83 -10.47 -5.06
C LEU C 137 -7.02 -11.13 -5.77
N ALA C 138 -7.32 -12.37 -5.42
CA ALA C 138 -8.39 -13.06 -6.00
C ALA C 138 -9.65 -12.41 -5.58
N LEU C 139 -9.75 -12.09 -4.28
CA LEU C 139 -10.88 -11.45 -3.68
C LEU C 139 -11.17 -10.06 -4.22
N ALA C 140 -10.11 -9.39 -4.75
CA ALA C 140 -10.14 -8.00 -5.25
C ALA C 140 -10.66 -7.99 -6.72
N GLU C 141 -10.75 -9.19 -7.34
CA GLU C 141 -11.12 -9.27 -8.74
C GLU C 141 -12.35 -8.46 -9.14
N ARG C 142 -13.39 -8.48 -8.34
CA ARG C 142 -14.69 -7.91 -8.74
C ARG C 142 -14.93 -6.48 -8.34
N TYR C 143 -13.85 -5.74 -7.97
CA TYR C 143 -13.97 -4.31 -7.63
C TYR C 143 -14.28 -3.48 -8.85
N ARG C 144 -13.70 -3.87 -9.99
CA ARG C 144 -13.55 -3.06 -11.22
C ARG C 144 -12.86 -3.98 -12.22
N VAL D 1 -7.56 10.76 24.19
CA VAL D 1 -6.96 9.40 24.38
C VAL D 1 -5.42 9.38 24.77
N GLU D 2 -4.57 8.79 23.93
CA GLU D 2 -3.20 8.35 24.30
C GLU D 2 -3.19 7.37 25.51
N TRP D 3 -2.01 7.10 26.06
CA TRP D 3 -1.76 5.86 26.78
C TRP D 3 -2.61 5.60 28.01
N THR D 4 -3.34 4.46 28.02
CA THR D 4 -3.97 4.04 29.27
C THR D 4 -2.91 3.38 30.11
N GLN D 5 -3.05 3.48 31.42
CA GLN D 5 -2.22 2.73 32.35
C GLN D 5 -2.02 1.24 31.96
N GLN D 6 -3.12 0.54 31.72
CA GLN D 6 -3.01 -0.85 31.32
C GLN D 6 -2.07 -1.01 30.10
N GLU D 7 -2.08 -0.02 29.23
CA GLU D 7 -1.24 -0.03 28.03
C GLU D 7 0.26 0.12 28.38
N ARG D 8 0.57 1.04 29.26
CA ARG D 8 1.99 1.27 29.52
C ARG D 8 2.53 0.10 30.27
N SER D 9 1.68 -0.57 31.03
CA SER D 9 2.16 -1.71 31.79
C SER D 9 2.32 -2.98 30.94
N ILE D 10 1.43 -3.15 29.97
CA ILE D 10 1.65 -4.17 28.94
C ILE D 10 2.98 -3.94 28.16
N ILE D 11 3.30 -2.69 27.83
CA ILE D 11 4.43 -2.44 26.95
C ILE D 11 5.75 -2.62 27.71
N ALA D 12 5.79 -2.04 28.92
CA ALA D 12 6.88 -2.27 29.88
C ALA D 12 7.18 -3.74 30.13
N GLY D 13 6.11 -4.55 30.22
CA GLY D 13 6.14 -5.99 30.44
C GLY D 13 6.69 -6.85 29.31
N ILE D 14 6.25 -6.56 28.08
CA ILE D 14 6.86 -7.13 26.89
C ILE D 14 8.39 -6.94 26.93
N PHE D 15 8.79 -5.71 27.13
CA PHE D 15 10.24 -5.41 26.96
C PHE D 15 11.15 -5.86 28.12
N ALA D 16 10.56 -6.09 29.31
CA ALA D 16 11.23 -6.59 30.50
C ALA D 16 11.46 -8.05 30.39
N ASN D 17 10.51 -8.78 29.82
CA ASN D 17 10.55 -10.22 29.61
C ASN D 17 11.34 -10.57 28.36
N LEU D 18 11.54 -9.62 27.46
CA LEU D 18 12.07 -9.92 26.10
C LEU D 18 13.52 -10.41 26.06
N ASN D 19 13.77 -11.48 25.34
CA ASN D 19 15.13 -12.02 25.21
C ASN D 19 15.62 -11.47 23.85
N TYR D 20 16.23 -10.28 23.89
CA TYR D 20 16.58 -9.56 22.66
C TYR D 20 17.32 -10.44 21.60
N GLU D 21 18.23 -11.33 22.02
CA GLU D 21 19.21 -11.95 21.08
C GLU D 21 18.51 -13.04 20.30
N ASP D 22 17.35 -13.39 20.83
CA ASP D 22 16.35 -14.27 20.30
C ASP D 22 15.42 -13.44 19.36
N ILE D 23 14.68 -12.44 19.87
CA ILE D 23 13.62 -11.77 19.07
C ILE D 23 14.19 -10.90 17.91
N GLY D 24 15.25 -10.12 18.19
CA GLY D 24 15.89 -9.20 17.20
C GLY D 24 16.48 -9.87 15.95
N PRO D 25 17.40 -10.80 16.10
CA PRO D 25 17.91 -11.48 14.89
C PRO D 25 16.79 -12.18 14.05
N LYS D 26 15.91 -12.87 14.76
CA LYS D 26 14.77 -13.52 14.09
C LYS D 26 13.88 -12.60 13.23
N ALA D 27 13.48 -11.48 13.81
CA ALA D 27 12.57 -10.58 13.15
C ALA D 27 13.23 -9.94 11.90
N LEU D 28 14.46 -9.51 12.08
CA LEU D 28 15.17 -8.81 11.01
C LEU D 28 15.41 -9.78 9.87
N ALA D 29 15.87 -10.95 10.20
CA ALA D 29 16.14 -11.95 9.20
C ALA D 29 14.85 -12.38 8.53
N ARG D 30 13.78 -12.58 9.31
CA ARG D 30 12.46 -12.89 8.69
C ARG D 30 12.06 -11.82 7.69
N CYS D 31 12.31 -10.59 8.03
CA CYS D 31 11.90 -9.50 7.19
C CYS D 31 12.70 -9.54 5.86
N LEU D 32 14.01 -9.84 5.98
CA LEU D 32 14.84 -9.82 4.76
C LEU D 32 14.46 -10.94 3.88
N ILE D 33 14.04 -12.05 4.49
CA ILE D 33 13.68 -13.24 3.75
C ILE D 33 12.23 -13.13 3.11
N VAL D 34 11.28 -12.59 3.89
CA VAL D 34 9.89 -12.52 3.44
C VAL D 34 9.72 -11.36 2.50
N TYR D 35 10.51 -10.31 2.74
CA TYR D 35 10.43 -9.15 1.89
C TYR D 35 11.78 -8.71 1.31
N PRO D 36 12.23 -9.48 0.34
CA PRO D 36 13.64 -9.49 -0.10
C PRO D 36 14.20 -8.15 -0.60
N TRP D 37 13.40 -7.31 -1.20
CA TRP D 37 13.85 -5.98 -1.52
C TRP D 37 14.40 -5.19 -0.33
N THR D 38 14.06 -5.60 0.91
CA THR D 38 14.63 -4.89 2.05
C THR D 38 16.18 -5.17 2.15
N GLN D 39 16.64 -6.26 1.53
CA GLN D 39 18.05 -6.63 1.46
C GLN D 39 18.89 -5.50 0.84
N ARG D 40 18.24 -4.70 0.00
CA ARG D 40 18.94 -3.61 -0.70
C ARG D 40 19.74 -2.70 0.27
N TYR D 41 19.17 -2.48 1.46
CA TYR D 41 19.81 -1.64 2.45
C TYR D 41 20.96 -2.31 3.21
N PHE D 42 21.22 -3.59 2.97
CA PHE D 42 22.18 -4.41 3.77
C PHE D 42 23.38 -5.01 2.97
N GLY D 43 23.92 -4.22 2.03
CA GLY D 43 24.95 -4.75 1.13
C GLY D 43 26.27 -4.94 1.87
N ALA D 44 26.51 -4.05 2.84
CA ALA D 44 27.64 -4.17 3.76
C ALA D 44 27.67 -5.41 4.66
N TYR D 45 26.60 -6.21 4.69
CA TYR D 45 26.40 -7.21 5.77
C TYR D 45 26.80 -8.59 5.35
N GLY D 46 27.36 -8.67 4.14
CA GLY D 46 27.89 -9.90 3.61
C GLY D 46 26.84 -10.79 3.04
N ASP D 47 26.98 -12.07 3.34
CA ASP D 47 26.26 -13.12 2.67
C ASP D 47 24.73 -13.14 2.89
N LEU D 48 24.00 -12.63 1.88
CA LEU D 48 22.54 -12.52 1.98
C LEU D 48 21.87 -13.35 0.93
N SER D 49 22.71 -14.00 0.14
CA SER D 49 22.30 -14.86 -0.96
C SER D 49 21.14 -15.89 -0.71
N THR D 50 21.23 -16.82 0.28
CA THR D 50 20.09 -17.67 0.64
C THR D 50 19.38 -17.23 1.93
N PRO D 51 18.17 -17.69 2.15
CA PRO D 51 17.62 -17.63 3.51
C PRO D 51 18.55 -18.32 4.57
N ASP D 52 19.16 -19.46 4.23
CA ASP D 52 20.11 -20.11 5.19
C ASP D 52 21.23 -19.19 5.62
N ALA D 53 21.87 -18.53 4.66
CA ALA D 53 22.83 -17.47 4.92
C ALA D 53 22.30 -16.27 5.74
N ILE D 54 21.09 -15.78 5.41
CA ILE D 54 20.49 -14.66 6.12
C ILE D 54 20.36 -15.12 7.56
N LYS D 55 19.92 -16.36 7.75
CA LYS D 55 19.65 -16.86 9.09
C LYS D 55 20.94 -17.04 9.90
N GLY D 56 22.00 -17.47 9.20
CA GLY D 56 23.30 -17.60 9.83
C GLY D 56 24.15 -16.34 9.79
N ASN D 57 23.62 -15.22 9.33
CA ASN D 57 24.43 -14.03 9.20
C ASN D 57 24.67 -13.27 10.53
N ALA D 58 25.94 -13.12 10.90
CA ALA D 58 26.23 -12.62 12.23
C ALA D 58 26.04 -11.15 12.34
N LYS D 59 26.16 -10.47 11.22
CA LYS D 59 26.08 -9.02 11.23
C LYS D 59 24.54 -8.68 11.36
N ILE D 60 23.75 -9.56 10.78
CA ILE D 60 22.31 -9.39 10.65
C ILE D 60 21.74 -9.63 12.03
N ALA D 61 22.26 -10.63 12.71
CA ALA D 61 21.89 -10.90 14.10
C ALA D 61 22.20 -9.70 15.05
N ALA D 62 23.39 -9.12 14.95
CA ALA D 62 23.76 -7.99 15.78
C ALA D 62 22.83 -6.82 15.49
N HIS D 63 22.58 -6.58 14.20
CA HIS D 63 21.74 -5.46 13.88
C HIS D 63 20.28 -5.67 14.35
N GLY D 64 19.78 -6.91 14.27
CA GLY D 64 18.45 -7.24 14.79
C GLY D 64 18.43 -6.84 16.27
N VAL D 65 19.45 -7.22 17.06
CA VAL D 65 19.38 -6.78 18.46
C VAL D 65 19.43 -5.24 18.65
N LYS D 66 20.26 -4.56 17.87
CA LYS D 66 20.25 -3.09 17.87
C LYS D 66 18.90 -2.49 17.57
N VAL D 67 18.17 -3.09 16.62
CA VAL D 67 16.77 -2.65 16.41
C VAL D 67 15.96 -2.68 17.66
N LEU D 68 16.04 -3.78 18.41
CA LEU D 68 15.24 -3.92 19.59
C LEU D 68 15.61 -2.87 20.64
N HIS D 69 16.92 -2.60 20.84
CA HIS D 69 17.28 -1.53 21.77
C HIS D 69 16.77 -0.20 21.29
N GLY D 70 16.62 -0.02 19.97
CA GLY D 70 16.04 1.22 19.47
C GLY D 70 14.57 1.34 19.89
N LEU D 71 13.87 0.22 20.07
CA LEU D 71 12.52 0.30 20.57
C LEU D 71 12.50 0.65 22.07
N ASP D 72 13.45 0.08 22.82
CA ASP D 72 13.57 0.29 24.28
C ASP D 72 13.64 1.77 24.59
N ARG D 73 14.35 2.52 23.78
CA ARG D 73 14.31 3.94 23.83
C ARG D 73 12.88 4.57 23.71
N ALA D 74 12.03 4.02 22.85
CA ALA D 74 10.64 4.53 22.79
C ALA D 74 9.89 4.06 24.01
N VAL D 75 10.23 2.85 24.50
CA VAL D 75 9.59 2.31 25.71
C VAL D 75 9.84 3.22 26.95
N LYS D 76 11.06 3.67 27.12
CA LYS D 76 11.44 4.47 28.26
C LYS D 76 10.83 5.90 28.15
N ASN D 77 10.31 6.26 26.97
CA ASN D 77 9.92 7.64 26.69
C ASN D 77 8.60 7.67 26.02
N MET D 78 7.61 7.03 26.59
CA MET D 78 6.44 6.74 25.80
C MET D 78 5.66 7.99 25.37
N ASP D 79 5.87 9.07 26.11
CA ASP D 79 5.10 10.28 25.84
C ASP D 79 5.79 11.20 24.86
N ASN D 80 7.09 11.01 24.69
CA ASN D 80 7.88 11.86 23.80
C ASN D 80 8.58 11.05 22.65
N ILE D 81 7.88 10.16 21.97
CA ILE D 81 8.59 9.24 21.04
C ILE D 81 9.05 9.94 19.79
N ASN D 82 8.26 10.88 19.32
CA ASN D 82 8.66 11.70 18.18
C ASN D 82 10.03 12.36 18.39
N GLU D 83 10.25 12.97 19.56
CA GLU D 83 11.53 13.66 19.85
C GLU D 83 12.61 12.61 20.02
N ALA D 84 12.31 11.58 20.81
CA ALA D 84 13.27 10.51 21.10
C ALA D 84 13.82 9.88 19.83
N TYR D 85 13.00 9.97 18.79
CA TYR D 85 13.25 9.28 17.54
C TYR D 85 13.70 10.18 16.38
N SER D 86 13.86 11.48 16.61
CA SER D 86 14.22 12.41 15.52
C SER D 86 15.52 12.09 14.75
N GLU D 87 16.59 11.74 15.44
CA GLU D 87 17.82 11.31 14.75
C GLU D 87 17.71 9.99 13.95
N LEU D 88 16.97 9.05 14.52
CA LEU D 88 16.67 7.78 13.87
C LEU D 88 15.70 8.07 12.70
N SER D 89 14.77 9.00 12.93
CA SER D 89 13.95 9.53 11.85
C SER D 89 14.80 10.09 10.69
N VAL D 90 15.67 11.06 10.96
CA VAL D 90 16.57 11.56 9.90
C VAL D 90 17.39 10.47 9.26
N LEU D 91 17.83 9.52 10.07
CA LEU D 91 18.65 8.43 9.52
C LEU D 91 17.83 7.57 8.54
N HIS D 92 16.58 7.29 8.90
CA HIS D 92 15.73 6.28 8.22
C HIS D 92 15.02 6.88 6.99
N SER D 93 14.66 8.16 7.14
CA SER D 93 13.76 8.85 6.20
C SER D 93 14.53 9.88 5.33
N ASP D 94 15.34 10.74 5.95
CA ASP D 94 16.08 11.79 5.23
C ASP D 94 17.44 11.30 4.67
N LYS D 95 17.98 10.20 5.20
CA LYS D 95 19.22 9.66 4.59
C LYS D 95 19.00 8.35 3.81
N LEU D 96 18.41 7.39 4.40
CA LEU D 96 18.23 6.06 3.74
C LEU D 96 16.98 6.02 2.81
N HIS D 97 16.08 6.97 3.07
CA HIS D 97 14.78 7.14 2.36
C HIS D 97 14.09 5.79 2.12
N VAL D 98 13.95 5.06 3.24
CA VAL D 98 13.26 3.76 3.29
C VAL D 98 11.79 4.05 3.10
N ASP D 99 11.11 3.46 2.16
CA ASP D 99 9.68 3.78 1.96
C ASP D 99 8.91 3.51 3.28
N PRO D 100 8.08 4.45 3.78
CA PRO D 100 7.50 4.27 5.14
C PRO D 100 6.69 2.93 5.37
N ASP D 101 6.39 2.24 4.28
CA ASP D 101 5.70 0.98 4.35
C ASP D 101 6.65 -0.16 4.82
N ASN D 102 7.95 -0.02 4.61
CA ASN D 102 8.87 -1.03 5.12
C ASN D 102 8.95 -1.06 6.64
N PHE D 103 8.61 0.06 7.25
CA PHE D 103 8.78 0.17 8.71
C PHE D 103 7.63 -0.67 9.25
N ARG D 104 6.54 -0.58 8.52
CA ARG D 104 5.31 -1.24 8.89
C ARG D 104 5.51 -2.75 8.76
N ILE D 105 6.17 -3.11 7.68
CA ILE D 105 6.59 -4.49 7.43
C ILE D 105 7.50 -5.15 8.50
N LEU D 106 8.59 -4.49 8.82
CA LEU D 106 9.48 -4.97 9.84
C LEU D 106 8.65 -5.07 11.19
N GLY D 107 7.78 -4.12 11.45
CA GLY D 107 7.01 -4.07 12.71
C GLY D 107 6.03 -5.24 12.67
N ASP D 108 5.46 -5.50 11.49
CA ASP D 108 4.88 -6.82 11.27
C ASP D 108 5.78 -8.09 11.48
N CYS D 109 6.99 -8.16 10.90
CA CYS D 109 7.80 -9.35 11.18
C CYS D 109 8.07 -9.46 12.67
N LEU D 110 8.29 -8.30 13.29
CA LEU D 110 8.59 -8.33 14.70
C LEU D 110 7.32 -8.84 15.55
N THR D 111 6.12 -8.44 15.13
CA THR D 111 4.90 -8.85 15.88
C THR D 111 4.75 -10.33 15.73
N VAL D 112 5.05 -10.84 14.57
CA VAL D 112 4.96 -12.30 14.39
C VAL D 112 5.92 -13.18 15.19
N VAL D 113 7.15 -12.70 15.27
CA VAL D 113 8.19 -13.37 16.03
C VAL D 113 7.87 -13.26 17.51
N ILE D 114 7.42 -12.10 17.97
CA ILE D 114 7.02 -11.96 19.35
C ILE D 114 5.81 -12.84 19.68
N ALA D 115 4.83 -12.95 18.73
CA ALA D 115 3.69 -13.84 18.90
C ALA D 115 4.09 -15.30 19.00
N ALA D 116 4.92 -15.77 18.07
CA ALA D 116 5.51 -17.11 18.19
C ALA D 116 6.29 -17.33 19.53
N ASN D 117 6.98 -16.30 20.00
CA ASN D 117 7.74 -16.46 21.24
C ASN D 117 6.85 -16.65 22.49
N LEU D 118 5.94 -15.68 22.64
CA LEU D 118 5.10 -15.53 23.82
C LEU D 118 3.94 -16.50 23.88
N GLY D 119 3.40 -16.95 22.78
CA GLY D 119 2.36 -17.98 22.85
C GLY D 119 1.13 -17.39 23.56
N ASP D 120 0.70 -18.04 24.67
CA ASP D 120 -0.53 -17.74 25.40
C ASP D 120 -0.49 -16.35 26.01
N ALA D 121 0.72 -15.83 26.26
CA ALA D 121 0.89 -14.51 26.84
C ALA D 121 0.63 -13.46 25.81
N PHE D 122 0.64 -13.80 24.51
CA PHE D 122 0.40 -12.70 23.52
C PHE D 122 -1.11 -12.56 23.31
N THR D 123 -1.81 -12.22 24.40
CA THR D 123 -3.28 -12.11 24.43
C THR D 123 -3.73 -11.11 23.38
N VAL D 124 -5.04 -11.06 23.13
CA VAL D 124 -5.59 -10.02 22.26
C VAL D 124 -5.18 -8.65 22.74
N GLU D 125 -5.43 -8.37 24.02
CA GLU D 125 -5.16 -7.06 24.56
C GLU D 125 -3.63 -6.65 24.47
N THR D 126 -2.73 -7.63 24.56
CA THR D 126 -1.29 -7.40 24.41
C THR D 126 -0.94 -6.98 22.98
N GLN D 127 -1.59 -7.65 22.03
CA GLN D 127 -1.47 -7.27 20.62
C GLN D 127 -1.99 -5.86 20.36
N CYS D 128 -3.16 -5.48 20.91
CA CYS D 128 -3.67 -4.12 20.73
C CYS D 128 -2.61 -3.13 21.17
N ALA D 129 -2.06 -3.40 22.35
CA ALA D 129 -1.13 -2.42 22.91
C ALA D 129 0.17 -2.37 22.10
N PHE D 130 0.69 -3.56 21.79
CA PHE D 130 1.94 -3.60 21.01
C PHE D 130 1.79 -2.88 19.63
N GLN D 131 0.68 -3.12 18.93
CA GLN D 131 0.46 -2.50 17.61
C GLN D 131 0.26 -1.01 17.78
N LYS D 132 -0.40 -0.58 18.86
CA LYS D 132 -0.55 0.88 19.04
C LYS D 132 0.86 1.50 19.31
N PHE D 133 1.71 0.79 20.03
CA PHE D 133 3.07 1.23 20.27
C PHE D 133 3.82 1.24 18.95
N LEU D 134 3.73 0.15 18.21
CA LEU D 134 4.44 0.09 16.93
C LEU D 134 3.94 1.21 16.00
N ALA D 135 2.65 1.57 16.03
CA ALA D 135 2.16 2.56 15.09
C ALA D 135 2.79 3.88 15.42
N VAL D 136 2.95 4.10 16.73
CA VAL D 136 3.64 5.25 17.21
C VAL D 136 5.10 5.26 16.86
N VAL D 137 5.83 4.14 16.93
CA VAL D 137 7.19 4.25 16.49
C VAL D 137 7.26 4.46 14.97
N VAL D 138 6.45 3.76 14.15
CA VAL D 138 6.67 3.92 12.69
C VAL D 138 6.36 5.35 12.21
N PHE D 139 5.32 5.93 12.77
CA PHE D 139 4.99 7.33 12.51
C PHE D 139 6.21 8.18 12.93
N ALA D 140 6.69 7.98 14.18
CA ALA D 140 7.95 8.63 14.65
C ALA D 140 9.14 8.50 13.67
N LEU D 141 9.29 7.31 13.08
CA LEU D 141 10.37 7.11 12.12
C LEU D 141 10.17 7.82 10.74
N GLY D 142 8.93 8.16 10.38
CA GLY D 142 8.65 8.78 9.11
C GLY D 142 8.58 10.29 9.11
CHA HEM E . 15.63 -0.19 -16.45
CHB HEM E . 11.09 -0.41 -17.73
CHC HEM E . 9.71 0.87 -13.30
CHD HEM E . 14.35 1.71 -12.24
C1A HEM E . 14.53 -0.34 -17.19
C2A HEM E . 14.58 -0.86 -18.54
C3A HEM E . 13.28 -0.90 -18.91
C4A HEM E . 12.44 -0.46 -17.79
CMA HEM E . 12.68 -1.36 -20.25
CAA HEM E . 15.95 -1.15 -19.29
CBA HEM E . 16.22 -2.66 -19.51
CGA HEM E . 17.40 -2.97 -20.45
O1A HEM E . 18.54 -2.45 -20.29
O2A HEM E . 17.22 -3.80 -21.37
C1B HEM E . 10.38 -0.09 -16.63
C2B HEM E . 8.94 -0.22 -16.62
C3B HEM E . 8.55 0.09 -15.37
C4B HEM E . 9.74 0.45 -14.61
CMB HEM E . 8.10 -0.67 -17.86
CAB HEM E . 7.11 0.18 -14.78
CBB HEM E . 6.10 0.67 -15.53
C1C HEM E . 10.85 1.26 -12.61
C2C HEM E . 10.97 1.83 -11.25
C3C HEM E . 12.28 1.99 -10.99
C4C HEM E . 13.00 1.63 -12.18
CMC HEM E . 9.79 2.09 -10.30
CAC HEM E . 13.01 2.56 -9.77
CBC HEM E . 12.34 3.52 -9.12
C1D HEM E . 15.11 1.25 -13.27
C2D HEM E . 16.54 1.29 -13.29
C3D HEM E . 16.94 0.71 -14.61
C4D HEM E . 15.68 0.34 -15.21
CMD HEM E . 17.54 1.82 -12.25
CAD HEM E . 18.39 0.48 -15.12
CBD HEM E . 19.27 1.73 -15.25
CGD HEM E . 20.39 1.62 -16.28
O1D HEM E . 20.35 0.76 -17.22
O2D HEM E . 21.33 2.48 -16.18
NA HEM E . 13.25 -0.14 -16.77
NB HEM E . 10.89 0.32 -15.39
NC HEM E . 12.12 1.21 -13.10
ND HEM E . 14.60 0.71 -14.42
FE HEM E . 12.83 0.51 -14.85
C CMO F . 12.85 1.96 -15.30
O CMO F . 12.81 3.31 -15.43
CHA HEM G . -16.40 15.16 3.09
CHB HEM G . -12.23 16.81 1.48
CHC HEM G . -10.86 12.36 0.56
CHD HEM G . -15.30 10.68 1.59
C1A HEM G . -15.41 16.01 2.70
C2A HEM G . -15.48 17.47 2.79
C3A HEM G . -14.31 17.92 2.34
C4A HEM G . -13.50 16.77 1.97
CMA HEM G . -13.88 19.42 2.22
CAA HEM G . -16.70 18.31 3.29
CBA HEM G . -16.38 18.85 4.69
CGA HEM G . -17.33 19.95 5.20
O1A HEM G . -17.85 19.75 6.36
O2A HEM G . -17.52 20.99 4.45
C1B HEM G . -11.50 15.75 1.15
C2B HEM G . -10.12 15.84 0.74
C3B HEM G . -9.76 14.57 0.44
C4B HEM G . -10.90 13.71 0.70
CMB HEM G . -9.32 17.19 0.66
CAB HEM G . -8.41 13.98 0.01
CBB HEM G . -7.78 14.45 -1.06
C1C HEM G . -11.95 11.51 0.76
C2C HEM G . -11.97 10.06 0.51
C3C HEM G . -13.17 9.58 0.80
C4C HEM G . -13.98 10.71 1.20
CMC HEM G . -10.77 9.24 0.07
CAC HEM G . -13.52 8.08 0.72
CBC HEM G . -13.53 7.49 -0.46
C1D HEM G . -16.03 11.75 2.09
C2D HEM G . -17.46 11.70 2.45
C3D HEM G . -17.82 13.11 2.95
C4D HEM G . -16.55 13.84 2.78
CMD HEM G . -18.41 10.48 2.36
CAD HEM G . -19.17 13.74 3.44
CBD HEM G . -20.21 12.86 4.11
CGD HEM G . -21.41 13.70 4.53
O1D HEM G . -21.35 14.28 5.70
O2D HEM G . -22.38 13.80 3.68
NA HEM G . -14.20 15.61 2.19
NB HEM G . -11.93 14.48 1.17
NC HEM G . -13.20 11.87 1.16
ND HEM G . -15.55 13.04 2.28
FE HEM G . -13.79 13.76 1.77
C CMO H . -14.43 13.82 0.38
O CMO H . -14.59 13.50 -1.03
CHA HEM I . -18.04 -12.95 4.66
CHB HEM I . -14.00 -15.29 3.63
CHC HEM I . -11.80 -11.00 4.33
CHD HEM I . -15.69 -8.72 5.81
C1A HEM I . -17.19 -13.99 4.37
C2A HEM I . -17.56 -15.37 4.15
C3A HEM I . -16.42 -16.06 3.85
C4A HEM I . -15.31 -15.07 3.83
CMA HEM I . -16.15 -17.55 3.51
CAA HEM I . -19.02 -15.81 4.31
CBA HEM I . -19.81 -15.57 3.02
CGA HEM I . -21.16 -16.29 3.09
O1A HEM I . -21.97 -15.81 3.96
O2A HEM I . -21.33 -17.28 2.27
C1B HEM I . -13.06 -14.28 3.76
C2B HEM I . -11.68 -14.45 3.40
C3B HEM I . -11.11 -13.26 3.58
C4B HEM I . -12.10 -12.31 4.04
CMB HEM I . -11.01 -15.80 2.87
CAB HEM I . -9.63 -12.88 3.36
CBB HEM I . -8.71 -13.86 3.37
C1C HEM I . -12.60 -10.01 4.80
C2C HEM I . -12.18 -8.65 5.21
C3C HEM I . -13.28 -8.02 5.66
C4C HEM I . -14.39 -8.97 5.54
CMC HEM I . -10.75 -8.02 5.18
CAC HEM I . -13.44 -6.58 6.17
CBC HEM I . -12.61 -6.05 7.12
C1D HEM I . -16.62 -9.72 5.60
C2D HEM I . -17.98 -9.51 6.01
C3D HEM I . -18.67 -10.77 5.64
C4D HEM I . -17.69 -11.65 5.04
CMD HEM I . -18.57 -8.21 6.61
CAD HEM I . -20.17 -11.07 5.86
CBD HEM I . -20.55 -10.95 7.35
CGD HEM I . -22.04 -11.28 7.62
O1D HEM I . -22.58 -12.11 6.87
O2D HEM I . -22.66 -10.74 8.56
NA HEM I . -15.84 -13.86 4.16
NB HEM I . -13.33 -12.95 4.15
NC HEM I . -13.95 -10.14 5.01
ND HEM I . -16.42 -11.00 5.02
FE HEM I . -14.84 -11.95 4.52
C CMO J . -14.86 -11.95 6.24
O CMO J . -14.70 -11.73 7.43
CHA HEM K . 19.69 1.40 11.58
CHB HEM K . 15.62 0.76 14.03
CHC HEM K . 13.01 -0.16 10.10
CHD HEM K . 17.26 -0.23 7.68
C1A HEM K . 18.80 1.31 12.61
C2A HEM K . 19.10 1.50 14.01
C3A HEM K . 17.94 1.33 14.68
C4A HEM K . 16.91 1.00 13.71
CMA HEM K . 17.76 1.42 16.22
CAA HEM K . 20.48 1.87 14.65
CBA HEM K . 20.77 3.36 14.43
CGA HEM K . 22.15 3.94 14.84
O1A HEM K . 23.10 3.14 15.09
O2A HEM K . 22.26 5.22 14.93
C1B HEM K . 14.57 0.50 13.18
C2B HEM K . 13.20 0.38 13.61
C3B HEM K . 12.47 0.12 12.53
C4B HEM K . 13.36 0.06 11.41
CMB HEM K . 12.81 0.55 15.11
CAB HEM K . 10.92 -0.08 12.39
CBB HEM K . 10.33 -1.02 13.15
C1C HEM K . 13.95 -0.32 9.10
C2C HEM K . 13.72 -0.85 7.76
C3C HEM K . 14.91 -0.87 7.13
C4C HEM K . 15.92 -0.33 8.01
CMC HEM K . 12.36 -1.32 7.23
CAC HEM K . 15.28 -1.31 5.71
CBC HEM K . 14.40 -1.50 4.74
C1D HEM K . 18.29 0.24 8.47
C2D HEM K . 19.65 0.44 8.03
C3D HEM K . 20.39 0.92 9.25
C4D HEM K . 19.40 1.01 10.31
CMD HEM K . 20.23 0.25 6.62
CAD HEM K . 21.85 1.36 9.33
CBD HEM K . 22.83 0.33 9.84
CGD HEM K . 24.21 0.68 9.29
O1D HEM K . 24.59 1.92 9.26
O2D HEM K . 24.88 -0.30 8.88
NA HEM K . 17.47 1.02 12.47
NB HEM K . 14.65 0.28 11.85
NC HEM K . 15.31 -0.03 9.19
ND HEM K . 18.18 0.58 9.82
FE HEM K . 16.49 0.48 10.84
C CMO L . 16.83 -1.08 11.11
O CMO L . 16.62 -2.18 10.94
#